data_5POM
#
_entry.id   5POM
#
_cell.length_a   55.698
_cell.length_b   56.477
_cell.length_c   101.205
_cell.angle_alpha   90.000
_cell.angle_beta   90.000
_cell.angle_gamma   90.000
#
_symmetry.space_group_name_H-M   'P 21 21 21'
#
loop_
_entity.id
_entity.type
_entity.pdbx_description
1 polymer 'Bromodomain-containing protein 1'
2 non-polymer 'SODIUM ION'
3 non-polymer N-methylquinoline-3-carboxamide
4 non-polymer 1,2-ETHANEDIOL
5 water water
#
_entity_poly.entity_id   1
_entity_poly.type   'polypeptide(L)'
_entity_poly.pdbx_seq_one_letter_code
;MHHHHHHSSGVDLGTENLYFQSMEQVAMELRLTELTRLLRSVLDQLQDKDPARIFAQPVSLKEVPDYLDHIKHPMDFATM
RKRLEAQGYKNLHEFEEDFDLIIDNCMKYNARDTVFYRAAVRLRDQGGVVLRQARREVDSIGLEEASGMHLPERPA
;
_entity_poly.pdbx_strand_id   A,B
#
# COMPACT_ATOMS: atom_id res chain seq x y z
N SER A 22 36.20 -7.09 7.13
CA SER A 22 36.45 -7.92 5.96
C SER A 22 36.40 -7.11 4.67
N MET A 23 36.98 -7.66 3.61
CA MET A 23 36.94 -6.99 2.31
CA MET A 23 36.95 -7.00 2.31
C MET A 23 35.54 -7.07 1.72
N GLU A 24 34.86 -8.18 1.96
CA GLU A 24 33.49 -8.36 1.47
C GLU A 24 32.56 -7.28 2.03
N GLN A 25 32.68 -6.99 3.31
CA GLN A 25 31.81 -5.99 3.93
C GLN A 25 32.05 -4.60 3.34
N VAL A 26 33.30 -4.25 3.10
CA VAL A 26 33.65 -2.98 2.45
C VAL A 26 33.06 -2.90 1.03
N ALA A 27 33.12 -4.01 0.30
CA ALA A 27 32.57 -4.08 -1.04
C ALA A 27 31.07 -3.79 -1.01
N MET A 28 30.39 -4.42 -0.06
CA MET A 28 28.95 -4.24 0.14
C MET A 28 28.61 -2.79 0.45
N GLU A 29 29.44 -2.17 1.27
CA GLU A 29 29.23 -0.79 1.65
C GLU A 29 29.48 0.14 0.46
N LEU A 30 30.43 -0.23 -0.39
CA LEU A 30 30.65 0.53 -1.62
C LEU A 30 29.40 0.47 -2.50
N ARG A 31 28.78 -0.70 -2.56
CA ARG A 31 27.57 -0.91 -3.35
C ARG A 31 26.40 -0.08 -2.81
N LEU A 32 26.20 -0.14 -1.50
CA LEU A 32 25.14 0.63 -0.84
C LEU A 32 25.37 2.12 -1.01
N THR A 33 26.63 2.53 -0.95
CA THR A 33 26.98 3.94 -1.13
C THR A 33 26.63 4.39 -2.54
N GLU A 34 26.86 3.52 -3.52
CA GLU A 34 26.59 3.91 -4.89
C GLU A 34 25.11 3.77 -5.23
N LEU A 35 24.42 2.87 -4.54
CA LEU A 35 22.96 2.86 -4.62
C LEU A 35 22.44 4.18 -4.08
N THR A 36 23.02 4.62 -2.96
CA THR A 36 22.61 5.86 -2.33
C THR A 36 22.87 7.04 -3.26
N ARG A 37 23.95 6.96 -4.02
CA ARG A 37 24.28 8.01 -4.98
C ARG A 37 23.21 8.08 -6.06
N LEU A 38 22.85 6.92 -6.58
CA LEU A 38 21.82 6.82 -7.63
C LEU A 38 20.46 7.30 -7.10
N LEU A 39 20.09 6.84 -5.92
CA LEU A 39 18.80 7.22 -5.35
C LEU A 39 18.72 8.72 -5.02
N ARG A 40 19.85 9.31 -4.67
CA ARG A 40 19.86 10.75 -4.43
C ARG A 40 19.55 11.51 -5.73
N SER A 41 20.04 10.98 -6.85
CA SER A 41 19.78 11.59 -8.15
C SER A 41 18.32 11.43 -8.55
N VAL A 42 17.78 10.23 -8.34
CA VAL A 42 16.37 9.98 -8.55
C VAL A 42 15.52 10.90 -7.69
N LEU A 43 15.87 11.01 -6.42
CA LEU A 43 15.11 11.85 -5.49
C LEU A 43 15.10 13.29 -5.95
N ASP A 44 16.26 13.80 -6.36
CA ASP A 44 16.35 15.17 -6.86
C ASP A 44 15.50 15.36 -8.11
N GLN A 45 15.51 14.36 -8.99
CA GLN A 45 14.74 14.43 -10.22
C GLN A 45 13.24 14.42 -9.94
N LEU A 46 12.82 13.55 -9.03
CA LEU A 46 11.41 13.47 -8.66
C LEU A 46 10.94 14.75 -8.00
N GLN A 47 11.80 15.33 -7.16
CA GLN A 47 11.42 16.54 -6.46
C GLN A 47 11.33 17.73 -7.41
N ASP A 48 12.08 17.69 -8.50
CA ASP A 48 11.99 18.75 -9.51
C ASP A 48 10.60 18.78 -10.14
N LYS A 49 9.92 17.64 -10.11
CA LYS A 49 8.57 17.55 -10.67
C LYS A 49 7.52 18.07 -9.69
N ASP A 50 7.98 18.65 -8.57
CA ASP A 50 7.11 19.26 -7.55
C ASP A 50 7.53 20.70 -7.30
N PRO A 51 7.48 21.56 -8.35
CA PRO A 51 7.97 22.92 -8.13
C PRO A 51 7.11 23.71 -7.15
N ALA A 52 5.86 23.29 -6.99
CA ALA A 52 4.95 23.91 -6.01
C ALA A 52 5.34 23.54 -4.58
N ARG A 53 6.18 22.52 -4.45
CA ARG A 53 6.69 22.04 -3.17
C ARG A 53 5.60 21.59 -2.20
N ILE A 54 4.54 21.04 -2.78
CA ILE A 54 3.45 20.46 -2.03
C ILE A 54 3.92 19.27 -1.21
N PHE A 55 4.93 18.55 -1.72
CA PHE A 55 5.36 17.31 -1.08
C PHE A 55 6.74 17.41 -0.40
N ALA A 56 7.24 18.63 -0.27
CA ALA A 56 8.58 18.87 0.25
C ALA A 56 8.75 18.52 1.73
N GLN A 57 7.70 18.71 2.52
CA GLN A 57 7.80 18.58 3.98
C GLN A 57 6.63 17.81 4.54
N PRO A 58 6.75 17.25 5.75
CA PRO A 58 5.58 16.58 6.32
C PRO A 58 4.36 17.48 6.38
N VAL A 59 3.19 16.94 6.11
CA VAL A 59 1.94 17.67 6.31
C VAL A 59 1.87 18.11 7.76
N SER A 60 1.78 19.43 7.96
CA SER A 60 1.78 20.06 9.28
C SER A 60 0.53 19.75 10.10
N LEU A 61 0.73 19.21 11.30
CA LEU A 61 -0.40 18.93 12.18
C LEU A 61 -0.94 20.21 12.78
N LYS A 62 -0.15 21.28 12.71
CA LYS A 62 -0.64 22.59 13.10
C LYS A 62 -1.58 23.16 12.02
N GLU A 63 -1.28 22.87 10.76
CA GLU A 63 -2.12 23.31 9.65
C GLU A 63 -3.24 22.30 9.33
N VAL A 64 -2.99 21.02 9.61
CA VAL A 64 -3.98 19.98 9.37
C VAL A 64 -4.10 19.06 10.59
N PRO A 65 -4.82 19.53 11.63
CA PRO A 65 -4.83 18.86 12.94
C PRO A 65 -5.27 17.39 12.91
N ASP A 66 -6.12 17.01 11.96
CA ASP A 66 -6.68 15.66 11.98
C ASP A 66 -5.97 14.70 11.03
N TYR A 67 -4.85 15.15 10.43
CA TYR A 67 -4.22 14.39 9.35
C TYR A 67 -3.94 12.93 9.71
N LEU A 68 -3.41 12.71 10.92
CA LEU A 68 -2.98 11.39 11.35
C LEU A 68 -4.14 10.47 11.68
N ASP A 69 -5.33 11.04 11.83
CA ASP A 69 -6.55 10.24 11.93
C ASP A 69 -6.86 9.57 10.60
N HIS A 70 -6.36 10.16 9.52
CA HIS A 70 -6.69 9.69 8.18
C HIS A 70 -5.56 8.88 7.57
N ILE A 71 -4.34 9.38 7.73
CA ILE A 71 -3.17 8.79 7.10
C ILE A 71 -2.28 8.12 8.14
N LYS A 72 -2.15 6.80 8.06
CA LYS A 72 -1.42 6.06 9.09
C LYS A 72 0.10 6.08 8.89
N HIS A 73 0.55 6.30 7.66
CA HIS A 73 1.97 6.34 7.39
C HIS A 73 2.34 7.53 6.51
N PRO A 74 2.47 8.72 7.13
CA PRO A 74 2.85 9.93 6.40
C PRO A 74 4.22 9.82 5.75
N MET A 75 4.38 10.52 4.63
CA MET A 75 5.67 10.55 3.98
C MET A 75 5.78 11.84 3.17
N ASP A 76 7.02 12.24 2.92
CA ASP A 76 7.31 13.46 2.19
C ASP A 76 8.75 13.39 1.74
N PHE A 77 9.15 14.30 0.87
CA PHE A 77 10.51 14.29 0.34
C PHE A 77 11.60 14.54 1.40
N ALA A 78 11.33 15.39 2.38
CA ALA A 78 12.36 15.68 3.37
C ALA A 78 12.65 14.42 4.21
N THR A 79 11.58 13.74 4.59
CA THR A 79 11.73 12.52 5.36
C THR A 79 12.49 11.47 4.54
N MET A 80 12.16 11.33 3.26
CA MET A 80 12.90 10.41 2.38
C MET A 80 14.39 10.76 2.33
N ARG A 81 14.70 12.05 2.23
CA ARG A 81 16.09 12.47 2.13
C ARG A 81 16.85 12.10 3.40
N LYS A 82 16.22 12.24 4.56
CA LYS A 82 16.85 11.87 5.82
C LYS A 82 17.23 10.39 5.82
N ARG A 83 16.29 9.55 5.43
CA ARG A 83 16.54 8.11 5.38
C ARG A 83 17.60 7.78 4.34
N LEU A 84 17.52 8.45 3.20
CA LEU A 84 18.50 8.27 2.13
C LEU A 84 19.92 8.49 2.60
N GLU A 85 20.13 9.57 3.34
CA GLU A 85 21.47 9.96 3.75
C GLU A 85 22.00 9.09 4.88
N ALA A 86 21.09 8.46 5.60
CA ALA A 86 21.47 7.44 6.58
C ALA A 86 21.68 6.10 5.89
N GLN A 87 21.68 6.11 4.56
CA GLN A 87 21.79 4.90 3.75
C GLN A 87 20.74 3.87 4.17
N GLY A 88 19.52 4.36 4.41
CA GLY A 88 18.43 3.52 4.88
C GLY A 88 17.61 2.85 3.79
N TYR A 89 17.97 3.05 2.52
CA TYR A 89 17.30 2.34 1.44
C TYR A 89 18.20 1.22 0.93
N LYS A 90 17.82 -0.03 1.17
CA LYS A 90 18.67 -1.17 0.81
C LYS A 90 18.54 -1.56 -0.66
N ASN A 91 17.46 -1.12 -1.29
CA ASN A 91 17.16 -1.44 -2.69
C ASN A 91 16.18 -0.41 -3.25
N LEU A 92 15.97 -0.42 -4.56
CA LEU A 92 15.06 0.56 -5.18
C LEU A 92 13.61 0.36 -4.76
N HIS A 93 13.23 -0.89 -4.51
CA HIS A 93 11.87 -1.16 -4.07
C HIS A 93 11.51 -0.41 -2.79
N GLU A 94 12.42 -0.35 -1.82
CA GLU A 94 12.14 0.35 -0.56
C GLU A 94 11.94 1.85 -0.81
N PHE A 95 12.76 2.39 -1.71
CA PHE A 95 12.68 3.81 -2.08
C PHE A 95 11.36 4.11 -2.79
N GLU A 96 10.99 3.23 -3.73
CA GLU A 96 9.74 3.38 -4.46
C GLU A 96 8.51 3.29 -3.55
N GLU A 97 8.59 2.42 -2.55
N GLU A 97 8.58 2.44 -2.52
CA GLU A 97 7.51 2.30 -1.57
CA GLU A 97 7.45 2.31 -1.60
C GLU A 97 7.21 3.64 -0.91
C GLU A 97 7.22 3.59 -0.78
N ASP A 98 8.28 4.34 -0.51
CA ASP A 98 8.14 5.63 0.17
C ASP A 98 7.61 6.68 -0.81
N PHE A 99 8.06 6.63 -2.06
CA PHE A 99 7.58 7.59 -3.05
C PHE A 99 6.10 7.37 -3.28
N ASP A 100 5.70 6.10 -3.38
CA ASP A 100 4.30 5.77 -3.58
C ASP A 100 3.45 6.22 -2.40
N LEU A 101 4.02 6.20 -1.19
CA LEU A 101 3.29 6.68 -0.01
C LEU A 101 2.93 8.15 -0.14
N ILE A 102 3.88 8.96 -0.60
CA ILE A 102 3.63 10.39 -0.78
C ILE A 102 2.40 10.60 -1.67
N ILE A 103 2.38 9.90 -2.80
CA ILE A 103 1.31 10.03 -3.78
CA ILE A 103 1.31 10.04 -3.78
C ILE A 103 -0.01 9.48 -3.26
N ASP A 104 0.04 8.26 -2.76
CA ASP A 104 -1.16 7.58 -2.33
C ASP A 104 -1.83 8.26 -1.14
N ASN A 105 -1.05 8.72 -0.17
CA ASN A 105 -1.61 9.46 0.98
C ASN A 105 -2.41 10.66 0.51
N CYS A 106 -1.82 11.38 -0.43
CA CYS A 106 -2.39 12.62 -0.94
C CYS A 106 -3.68 12.39 -1.72
N MET A 107 -3.73 11.32 -2.50
CA MET A 107 -4.92 11.02 -3.29
C MET A 107 -6.02 10.45 -2.41
N LYS A 108 -5.71 10.08 -1.17
CA LYS A 108 -6.79 9.68 -0.27
CA LYS A 108 -6.71 9.66 -0.17
C LYS A 108 -7.25 10.87 0.59
N TYR A 109 -6.30 11.65 1.13
CA TYR A 109 -6.69 12.73 2.03
C TYR A 109 -7.39 13.84 1.28
N ASN A 110 -6.96 14.06 0.04
CA ASN A 110 -7.53 15.16 -0.74
C ASN A 110 -8.47 14.70 -1.83
N ALA A 111 -9.52 15.50 -2.05
CA ALA A 111 -10.51 15.15 -3.05
C ALA A 111 -9.97 15.34 -4.46
N ARG A 112 -10.61 14.65 -5.39
CA ARG A 112 -10.21 14.62 -6.78
C ARG A 112 -10.03 16.01 -7.42
N ASP A 113 -10.85 16.99 -7.03
CA ASP A 113 -10.85 18.28 -7.71
C ASP A 113 -9.86 19.29 -7.12
N THR A 114 -9.07 18.86 -6.14
CA THR A 114 -8.17 19.77 -5.42
C THR A 114 -6.81 19.92 -6.08
N VAL A 115 -6.13 21.03 -5.80
CA VAL A 115 -4.81 21.27 -6.32
C VAL A 115 -3.85 20.20 -5.76
N PHE A 116 -4.10 19.76 -4.54
CA PHE A 116 -3.30 18.71 -3.93
C PHE A 116 -3.37 17.37 -4.66
N TYR A 117 -4.59 16.90 -4.90
CA TYR A 117 -4.76 15.61 -5.56
C TYR A 117 -4.15 15.67 -6.96
N ARG A 118 -4.44 16.76 -7.67
CA ARG A 118 -3.99 16.85 -9.06
C ARG A 118 -2.46 16.94 -9.12
N ALA A 119 -1.85 17.54 -8.11
CA ALA A 119 -0.40 17.57 -8.05
C ALA A 119 0.19 16.16 -7.87
N ALA A 120 -0.47 15.34 -7.06
CA ALA A 120 0.00 13.96 -6.87
C ALA A 120 -0.11 13.16 -8.17
N VAL A 121 -1.21 13.35 -8.91
CA VAL A 121 -1.38 12.64 -10.18
C VAL A 121 -0.25 13.00 -11.16
N ARG A 122 0.06 14.29 -11.25
CA ARG A 122 1.12 14.74 -12.13
C ARG A 122 2.48 14.23 -11.68
N LEU A 123 2.72 14.20 -10.37
CA LEU A 123 3.97 13.66 -9.85
C LEU A 123 4.10 12.17 -10.14
N ARG A 124 3.00 11.42 -9.97
CA ARG A 124 2.97 10.01 -10.28
CA ARG A 124 3.02 10.01 -10.27
C ARG A 124 3.31 9.75 -11.74
N ASP A 125 2.61 10.47 -12.62
CA ASP A 125 2.79 10.28 -14.06
C ASP A 125 4.20 10.65 -14.50
N GLN A 126 4.68 11.82 -14.09
CA GLN A 126 5.99 12.30 -14.51
C GLN A 126 7.13 11.56 -13.81
N GLY A 127 6.86 11.02 -12.63
CA GLY A 127 7.88 10.29 -11.88
C GLY A 127 8.11 8.92 -12.49
N GLY A 128 7.08 8.39 -13.15
CA GLY A 128 7.14 7.05 -13.71
C GLY A 128 8.27 6.87 -14.70
N VAL A 129 8.55 7.93 -15.45
CA VAL A 129 9.62 7.91 -16.43
C VAL A 129 10.98 7.73 -15.75
N VAL A 130 11.18 8.49 -14.68
CA VAL A 130 12.43 8.47 -13.93
C VAL A 130 12.66 7.11 -13.28
N LEU A 131 11.62 6.57 -12.66
CA LEU A 131 11.70 5.29 -11.97
C LEU A 131 11.86 4.11 -12.93
N ARG A 132 11.31 4.26 -14.13
CA ARG A 132 11.46 3.23 -15.16
C ARG A 132 12.94 3.04 -15.52
N GLN A 133 13.65 4.16 -15.70
CA GLN A 133 15.06 4.07 -16.07
C GLN A 133 15.92 3.70 -14.87
N ALA A 134 15.54 4.19 -13.70
CA ALA A 134 16.27 3.88 -12.47
C ALA A 134 16.31 2.37 -12.25
N ARG A 135 15.16 1.72 -12.45
CA ARG A 135 15.09 0.27 -12.33
C ARG A 135 16.06 -0.41 -13.30
N ARG A 136 16.11 0.08 -14.53
CA ARG A 136 17.02 -0.52 -15.51
C ARG A 136 18.48 -0.30 -15.09
N GLU A 137 18.80 0.87 -14.54
CA GLU A 137 20.17 1.20 -14.16
C GLU A 137 20.63 0.39 -12.95
N VAL A 138 19.75 0.22 -11.97
CA VAL A 138 20.03 -0.57 -10.80
C VAL A 138 20.32 -2.02 -11.19
N ASP A 139 19.47 -2.59 -12.03
CA ASP A 139 19.68 -3.93 -12.56
C ASP A 139 20.98 -4.02 -13.37
N SER A 140 21.18 -3.02 -14.23
CA SER A 140 22.36 -2.97 -15.10
C SER A 140 23.67 -2.98 -14.31
N ILE A 141 23.89 -1.93 -13.52
CA ILE A 141 25.10 -1.82 -12.72
C ILE A 141 25.09 -2.80 -11.56
N GLY A 142 23.98 -3.48 -11.37
CA GLY A 142 23.84 -4.51 -10.34
C GLY A 142 24.04 -4.00 -8.92
N LEU A 143 23.34 -2.92 -8.58
CA LEU A 143 23.54 -2.25 -7.29
C LEU A 143 22.78 -2.89 -6.14
N GLU A 144 22.16 -4.03 -6.38
CA GLU A 144 21.44 -4.75 -5.34
C GLU A 144 21.32 -6.24 -5.66
N SER B 22 4.97 -38.41 0.48
CA SER B 22 6.03 -38.20 1.45
C SER B 22 5.51 -37.46 2.68
N MET B 23 6.30 -37.50 3.74
CA MET B 23 5.91 -36.85 4.98
C MET B 23 5.86 -35.33 4.77
N GLU B 24 6.72 -34.84 3.86
CA GLU B 24 6.75 -33.44 3.49
C GLU B 24 5.46 -32.99 2.81
N GLN B 25 4.86 -33.88 2.01
CA GLN B 25 3.61 -33.59 1.31
C GLN B 25 2.44 -33.47 2.28
N VAL B 26 2.42 -34.34 3.28
CA VAL B 26 1.36 -34.31 4.27
C VAL B 26 1.38 -32.98 5.01
N ALA B 27 2.57 -32.56 5.44
CA ALA B 27 2.70 -31.30 6.16
C ALA B 27 2.26 -30.11 5.30
N MET B 28 2.58 -30.17 4.01
CA MET B 28 2.25 -29.06 3.14
C MET B 28 0.73 -28.95 2.97
N GLU B 29 0.06 -30.09 2.83
CA GLU B 29 -1.39 -30.08 2.66
C GLU B 29 -2.08 -29.65 3.96
N LEU B 30 -1.53 -30.03 5.10
CA LEU B 30 -2.05 -29.55 6.38
C LEU B 30 -1.94 -28.04 6.51
N ARG B 31 -0.78 -27.49 6.15
CA ARG B 31 -0.60 -26.05 6.23
C ARG B 31 -1.57 -25.31 5.28
N LEU B 32 -1.77 -25.87 4.09
CA LEU B 32 -2.72 -25.31 3.12
C LEU B 32 -4.14 -25.29 3.69
N THR B 33 -4.55 -26.39 4.30
CA THR B 33 -5.93 -26.45 4.77
C THR B 33 -6.14 -25.55 6.01
N GLU B 34 -5.15 -25.47 6.86
CA GLU B 34 -5.26 -24.62 8.04
C GLU B 34 -5.20 -23.13 7.69
N LEU B 35 -4.41 -22.79 6.68
CA LEU B 35 -4.41 -21.42 6.19
C LEU B 35 -5.79 -21.04 5.66
N THR B 36 -6.40 -21.94 4.87
CA THR B 36 -7.70 -21.64 4.30
C THR B 36 -8.75 -21.49 5.39
N ARG B 37 -8.68 -22.35 6.40
CA ARG B 37 -9.57 -22.26 7.56
CA ARG B 37 -9.58 -22.26 7.54
C ARG B 37 -9.46 -20.90 8.22
N LEU B 38 -8.23 -20.48 8.48
CA LEU B 38 -7.97 -19.18 9.09
C LEU B 38 -8.48 -18.03 8.24
N LEU B 39 -8.17 -18.04 6.94
CA LEU B 39 -8.58 -16.92 6.08
C LEU B 39 -10.10 -16.86 5.94
N ARG B 40 -10.75 -18.01 5.93
CA ARG B 40 -12.20 -18.01 5.82
C ARG B 40 -12.81 -17.34 7.05
N SER B 41 -12.28 -17.66 8.22
CA SER B 41 -12.75 -17.03 9.46
C SER B 41 -12.49 -15.53 9.46
N VAL B 42 -11.28 -15.15 9.04
CA VAL B 42 -10.92 -13.73 8.93
C VAL B 42 -11.86 -12.99 7.99
N LEU B 43 -12.11 -13.54 6.80
CA LEU B 43 -13.00 -12.89 5.85
C LEU B 43 -14.43 -12.78 6.39
N ASP B 44 -14.90 -13.81 7.08
N ASP B 44 -14.88 -13.81 7.10
CA ASP B 44 -16.22 -13.73 7.69
CA ASP B 44 -16.19 -13.79 7.74
C ASP B 44 -16.26 -12.63 8.76
C ASP B 44 -16.26 -12.64 8.76
N GLN B 45 -15.23 -12.52 9.57
CA GLN B 45 -15.16 -11.46 10.58
C GLN B 45 -15.13 -10.07 9.97
N LEU B 46 -14.46 -9.93 8.83
CA LEU B 46 -14.36 -8.64 8.19
C LEU B 46 -15.72 -8.28 7.61
N GLN B 47 -16.32 -9.22 6.91
CA GLN B 47 -17.60 -8.94 6.23
C GLN B 47 -18.72 -8.73 7.24
N ASP B 48 -18.64 -9.37 8.40
CA ASP B 48 -19.66 -9.19 9.43
CA ASP B 48 -19.62 -9.20 9.47
C ASP B 48 -19.71 -7.75 9.93
N LYS B 49 -18.63 -7.01 9.72
CA LYS B 49 -18.54 -5.61 10.15
C LYS B 49 -19.07 -4.64 9.10
N ASP B 50 -19.58 -5.19 8.01
CA ASP B 50 -20.15 -4.40 6.90
C ASP B 50 -21.60 -4.82 6.63
N PRO B 51 -22.49 -4.68 7.62
CA PRO B 51 -23.87 -5.14 7.41
C PRO B 51 -24.60 -4.35 6.32
N ALA B 52 -24.11 -3.16 6.01
CA ALA B 52 -24.71 -2.33 4.96
C ALA B 52 -24.31 -2.82 3.58
N ARG B 53 -23.37 -3.77 3.55
CA ARG B 53 -22.92 -4.40 2.31
CA ARG B 53 -22.91 -4.40 2.31
C ARG B 53 -22.27 -3.41 1.34
N ILE B 54 -21.61 -2.39 1.88
CA ILE B 54 -20.94 -1.37 1.07
C ILE B 54 -19.74 -1.95 0.29
N PHE B 55 -19.09 -2.94 0.88
CA PHE B 55 -17.90 -3.56 0.27
C PHE B 55 -18.17 -5.01 -0.16
N ALA B 56 -19.44 -5.41 -0.21
CA ALA B 56 -19.76 -6.81 -0.45
C ALA B 56 -19.50 -7.26 -1.89
N GLN B 57 -19.69 -6.34 -2.84
CA GLN B 57 -19.70 -6.64 -4.27
C GLN B 57 -18.94 -5.57 -5.02
N PRO B 58 -18.51 -5.87 -6.25
CA PRO B 58 -17.85 -4.82 -7.04
C PRO B 58 -18.67 -3.55 -7.16
N VAL B 59 -17.99 -2.40 -7.14
CA VAL B 59 -18.67 -1.13 -7.37
C VAL B 59 -19.29 -1.16 -8.76
N SER B 60 -20.58 -0.81 -8.84
CA SER B 60 -21.30 -0.87 -10.11
C SER B 60 -20.92 0.26 -11.07
N LEU B 61 -20.51 -0.10 -12.28
CA LEU B 61 -20.21 0.90 -13.29
C LEU B 61 -21.47 1.64 -13.72
N LYS B 62 -22.63 1.01 -13.55
CA LYS B 62 -23.88 1.65 -13.91
C LYS B 62 -24.17 2.82 -12.96
N GLU B 63 -23.92 2.60 -11.67
CA GLU B 63 -24.14 3.64 -10.68
C GLU B 63 -22.98 4.61 -10.60
N VAL B 64 -21.77 4.11 -10.92
CA VAL B 64 -20.57 4.93 -10.86
C VAL B 64 -19.79 4.83 -12.18
N PRO B 65 -20.26 5.56 -13.20
CA PRO B 65 -19.71 5.39 -14.56
C PRO B 65 -18.23 5.73 -14.67
N ASP B 66 -17.72 6.61 -13.81
CA ASP B 66 -16.33 7.03 -13.92
C ASP B 66 -15.40 6.25 -12.99
N TYR B 67 -15.89 5.18 -12.36
CA TYR B 67 -15.07 4.51 -11.32
C TYR B 67 -13.71 4.07 -11.84
N LEU B 68 -13.69 3.44 -13.00
CA LEU B 68 -12.44 2.90 -13.53
C LEU B 68 -11.53 3.95 -14.14
N ASP B 69 -12.03 5.18 -14.30
CA ASP B 69 -11.17 6.31 -14.65
C ASP B 69 -10.13 6.49 -13.58
N HIS B 70 -10.52 6.20 -12.33
CA HIS B 70 -9.68 6.54 -11.18
C HIS B 70 -9.14 5.34 -10.41
N ILE B 71 -9.89 4.24 -10.42
CA ILE B 71 -9.47 3.05 -9.68
C ILE B 71 -8.98 1.99 -10.65
N LYS B 72 -7.69 1.64 -10.54
CA LYS B 72 -7.09 0.73 -11.50
C LYS B 72 -7.23 -0.74 -11.14
N HIS B 73 -7.38 -1.04 -9.84
CA HIS B 73 -7.59 -2.41 -9.41
C HIS B 73 -8.74 -2.53 -8.40
N PRO B 74 -9.98 -2.64 -8.90
CA PRO B 74 -11.15 -2.78 -8.03
C PRO B 74 -11.09 -4.02 -7.17
N MET B 75 -11.62 -3.94 -5.96
CA MET B 75 -11.69 -5.11 -5.10
C MET B 75 -12.92 -5.00 -4.19
N ASP B 76 -13.35 -6.15 -3.70
CA ASP B 76 -14.58 -6.29 -2.90
C ASP B 76 -14.54 -7.64 -2.24
N PHE B 77 -15.42 -7.85 -1.26
CA PHE B 77 -15.39 -9.07 -0.46
C PHE B 77 -15.77 -10.32 -1.27
N ALA B 78 -16.68 -10.18 -2.23
CA ALA B 78 -17.09 -11.34 -3.01
C ALA B 78 -15.93 -11.87 -3.86
N THR B 79 -15.18 -10.93 -4.42
CA THR B 79 -14.03 -11.26 -5.25
C THR B 79 -12.93 -11.90 -4.38
N MET B 80 -12.82 -11.42 -3.14
CA MET B 80 -11.89 -12.08 -2.20
C MET B 80 -12.33 -13.49 -1.85
N ARG B 81 -13.63 -13.68 -1.63
CA ARG B 81 -14.12 -15.01 -1.26
C ARG B 81 -13.88 -15.99 -2.41
N LYS B 82 -14.11 -15.52 -3.63
CA LYS B 82 -13.86 -16.32 -4.82
C LYS B 82 -12.40 -16.77 -4.88
N ARG B 83 -11.47 -15.83 -4.70
CA ARG B 83 -10.04 -16.15 -4.71
C ARG B 83 -9.67 -17.12 -3.57
N LEU B 84 -10.19 -16.85 -2.38
CA LEU B 84 -9.93 -17.71 -1.23
C LEU B 84 -10.33 -19.14 -1.48
N GLU B 85 -11.55 -19.33 -1.96
CA GLU B 85 -12.11 -20.68 -2.09
C GLU B 85 -11.49 -21.42 -3.26
N ALA B 86 -10.86 -20.66 -4.17
CA ALA B 86 -10.18 -21.25 -5.32
C ALA B 86 -8.72 -21.56 -5.04
N GLN B 87 -8.35 -21.48 -3.76
CA GLN B 87 -6.96 -21.70 -3.34
C GLN B 87 -6.01 -20.67 -3.94
N GLY B 88 -6.49 -19.43 -4.12
CA GLY B 88 -5.72 -18.37 -4.74
C GLY B 88 -4.88 -17.49 -3.82
N TYR B 89 -5.00 -17.69 -2.51
CA TYR B 89 -4.14 -16.97 -1.55
C TYR B 89 -3.05 -17.92 -1.04
N LYS B 90 -1.80 -17.59 -1.33
CA LYS B 90 -0.69 -18.43 -0.91
C LYS B 90 -0.28 -18.18 0.55
N ASN B 91 -0.59 -17.00 1.06
CA ASN B 91 -0.26 -16.63 2.43
C ASN B 91 -1.16 -15.50 2.92
N LEU B 92 -1.09 -15.18 4.19
CA LEU B 92 -1.87 -14.09 4.76
C LEU B 92 -1.59 -12.73 4.10
N HIS B 93 -0.33 -12.48 3.76
CA HIS B 93 0.03 -11.20 3.14
C HIS B 93 -0.77 -10.92 1.85
N GLU B 94 -0.89 -11.93 0.98
CA GLU B 94 -1.67 -11.76 -0.26
C GLU B 94 -3.15 -11.41 0.01
N PHE B 95 -3.69 -12.02 1.07
CA PHE B 95 -5.05 -11.70 1.54
C PHE B 95 -5.10 -10.25 2.07
N GLU B 96 -4.14 -9.87 2.90
CA GLU B 96 -4.06 -8.51 3.42
CA GLU B 96 -4.07 -8.51 3.42
C GLU B 96 -4.01 -7.47 2.30
N GLU B 97 -3.22 -7.75 1.26
CA GLU B 97 -3.14 -6.82 0.14
C GLU B 97 -4.50 -6.59 -0.55
N ASP B 98 -5.31 -7.64 -0.67
CA ASP B 98 -6.63 -7.45 -1.28
C ASP B 98 -7.55 -6.64 -0.34
N PHE B 99 -7.50 -6.91 0.96
CA PHE B 99 -8.29 -6.11 1.90
C PHE B 99 -7.85 -4.64 1.83
N ASP B 100 -6.54 -4.40 1.79
CA ASP B 100 -6.05 -3.01 1.67
C ASP B 100 -6.54 -2.34 0.39
N LEU B 101 -6.66 -3.09 -0.70
CA LEU B 101 -7.20 -2.53 -1.94
C LEU B 101 -8.62 -2.02 -1.72
N ILE B 102 -9.44 -2.80 -1.04
CA ILE B 102 -10.82 -2.41 -0.78
C ILE B 102 -10.85 -1.05 -0.07
N ILE B 103 -10.07 -0.94 1.00
CA ILE B 103 -10.00 0.26 1.83
C ILE B 103 -9.39 1.45 1.05
N ASP B 104 -8.26 1.20 0.40
CA ASP B 104 -7.55 2.26 -0.30
C ASP B 104 -8.33 2.80 -1.49
N ASN B 105 -8.98 1.91 -2.24
CA ASN B 105 -9.79 2.34 -3.38
C ASN B 105 -10.92 3.26 -2.94
N CYS B 106 -11.53 2.89 -1.82
CA CYS B 106 -12.63 3.66 -1.27
C CYS B 106 -12.14 5.02 -0.74
N MET B 107 -11.00 5.04 -0.07
CA MET B 107 -10.49 6.31 0.44
C MET B 107 -9.96 7.20 -0.68
N LYS B 108 -9.51 6.59 -1.77
CA LYS B 108 -9.05 7.34 -2.94
CA LYS B 108 -9.06 7.34 -2.94
C LYS B 108 -10.20 7.92 -3.76
N TYR B 109 -11.23 7.11 -3.98
CA TYR B 109 -12.36 7.50 -4.83
C TYR B 109 -13.32 8.50 -4.16
N ASN B 110 -13.54 8.34 -2.87
CA ASN B 110 -14.49 9.20 -2.17
C ASN B 110 -13.83 10.33 -1.36
N ALA B 111 -14.52 11.46 -1.22
CA ALA B 111 -13.99 12.56 -0.41
C ALA B 111 -14.08 12.22 1.08
N ARG B 112 -13.20 12.81 1.89
CA ARG B 112 -13.15 12.53 3.34
C ARG B 112 -14.50 12.65 4.03
N ASP B 113 -15.23 13.70 3.68
CA ASP B 113 -16.50 13.99 4.30
C ASP B 113 -17.64 13.28 3.58
N THR B 114 -17.58 11.95 3.52
CA THR B 114 -18.62 11.13 2.92
C THR B 114 -18.83 9.88 3.76
N VAL B 115 -20.02 9.30 3.65
CA VAL B 115 -20.35 8.12 4.44
C VAL B 115 -19.51 6.92 3.98
N PHE B 116 -19.26 6.80 2.69
N PHE B 116 -19.30 6.82 2.68
CA PHE B 116 -18.50 5.65 2.22
CA PHE B 116 -18.45 5.75 2.12
C PHE B 116 -17.00 5.75 2.59
C PHE B 116 -17.04 5.79 2.67
N TYR B 117 -16.44 6.96 2.59
CA TYR B 117 -15.05 7.15 3.07
C TYR B 117 -14.97 6.83 4.56
N ARG B 118 -15.93 7.34 5.33
CA ARG B 118 -15.87 7.07 6.77
C ARG B 118 -16.08 5.57 7.05
N ALA B 119 -16.86 4.89 6.21
CA ALA B 119 -17.03 3.45 6.36
C ALA B 119 -15.71 2.72 6.13
N ALA B 120 -14.94 3.18 5.15
CA ALA B 120 -13.62 2.57 4.88
C ALA B 120 -12.65 2.78 6.04
N VAL B 121 -12.61 4.00 6.59
CA VAL B 121 -11.78 4.26 7.76
C VAL B 121 -12.19 3.40 8.96
N ARG B 122 -13.49 3.25 9.16
CA ARG B 122 -14.00 2.39 10.23
C ARG B 122 -13.57 0.93 10.03
N LEU B 123 -13.79 0.40 8.83
CA LEU B 123 -13.40 -0.98 8.51
C LEU B 123 -11.88 -1.19 8.52
N ARG B 124 -11.13 -0.16 8.14
CA ARG B 124 -9.68 -0.23 8.22
C ARG B 124 -9.21 -0.43 9.67
N ASP B 125 -9.78 0.34 10.60
N ASP B 125 -9.82 0.28 10.60
CA ASP B 125 -9.42 0.21 12.03
CA ASP B 125 -9.37 0.23 11.98
C ASP B 125 -9.79 -1.18 12.53
C ASP B 125 -9.89 -1.02 12.72
N GLN B 126 -11.04 -1.56 12.31
CA GLN B 126 -11.51 -2.84 12.82
C GLN B 126 -10.74 -3.98 12.16
N GLY B 127 -10.56 -3.89 10.85
CA GLY B 127 -9.84 -4.91 10.12
C GLY B 127 -8.39 -5.05 10.50
N GLY B 128 -7.75 -3.93 10.84
CA GLY B 128 -6.36 -3.96 11.24
C GLY B 128 -6.17 -4.84 12.47
N VAL B 129 -7.09 -4.70 13.42
CA VAL B 129 -7.02 -5.51 14.62
C VAL B 129 -7.25 -7.00 14.29
N VAL B 130 -8.26 -7.28 13.47
CA VAL B 130 -8.51 -8.66 13.05
C VAL B 130 -7.27 -9.26 12.36
N LEU B 131 -6.63 -8.47 11.50
CA LEU B 131 -5.50 -8.98 10.73
C LEU B 131 -4.24 -9.12 11.57
N ARG B 132 -4.05 -8.24 12.55
CA ARG B 132 -2.92 -8.44 13.45
C ARG B 132 -3.08 -9.72 14.27
N GLN B 133 -4.32 -10.04 14.64
CA GLN B 133 -4.59 -11.29 15.35
C GLN B 133 -4.38 -12.49 14.43
N ALA B 134 -4.74 -12.35 13.17
CA ALA B 134 -4.55 -13.43 12.20
C ALA B 134 -3.07 -13.70 12.05
N ARG B 135 -2.25 -12.65 12.12
CA ARG B 135 -0.80 -12.85 12.03
C ARG B 135 -0.29 -13.63 13.24
N ARG B 136 -0.81 -13.35 14.42
CA ARG B 136 -0.44 -14.12 15.61
C ARG B 136 -0.83 -15.58 15.44
N GLU B 137 -1.98 -15.82 14.83
CA GLU B 137 -2.45 -17.18 14.61
C GLU B 137 -1.59 -17.90 13.56
N VAL B 138 -1.16 -17.19 12.52
CA VAL B 138 -0.25 -17.74 11.53
C VAL B 138 1.03 -18.24 12.21
N ASP B 139 1.56 -17.43 13.10
CA ASP B 139 2.77 -17.79 13.82
C ASP B 139 2.55 -18.94 14.80
N SER B 140 1.45 -18.91 15.52
CA SER B 140 1.11 -19.95 16.50
C SER B 140 0.85 -21.30 15.81
N ILE B 141 0.16 -21.26 14.69
CA ILE B 141 -0.18 -22.49 13.97
C ILE B 141 0.99 -23.04 13.17
N GLY B 142 1.92 -22.17 12.77
CA GLY B 142 3.10 -22.55 12.01
C GLY B 142 2.88 -22.58 10.50
N LEU B 143 2.15 -21.60 9.98
CA LEU B 143 1.72 -21.64 8.59
C LEU B 143 2.76 -21.14 7.60
N GLU B 144 3.80 -20.47 8.09
CA GLU B 144 4.86 -20.00 7.20
C GLU B 144 6.24 -20.57 7.53
#